data_1WUA
#
_entry.id   1WUA
#
_cell.length_a   39.704
_cell.length_b   75.123
_cell.length_c   67.546
_cell.angle_alpha   90.00
_cell.angle_beta   95.23
_cell.angle_gamma   90.00
#
_symmetry.space_group_name_H-M   'P 1 21 1'
#
loop_
_entity.id
_entity.type
_entity.pdbx_description
1 polymer 'Actin, alpha skeletal muscle'
2 non-polymer 'CALCIUM ION'
3 non-polymer "ADENOSINE-5'-TRIPHOSPHATE"
4 non-polymer '(8R,9R,10R,11R,14S,18S,20S,24S)-24-{(1R,2S,3R,6R,7R,8R,9S,10E)-8-(ACETYLOXY)-6-[(N,N-DIMETHYLALANYL)OXY]-11-[FORMYL(MET HYL)AMINO]-2-HYDROXY-1,3,7,9-TETRAMETHYLUNDEC-10-ENYL}-10-HYDROXY-14,20-DIMETHOXY-9,11,15,18-TETRAMETHYL-2-OXOOXACYCLOTE TRACOSA-3,5,15,21-TETRAEN-8-YL N,N,O-TRIMETHYLSERINATE'
5 water water
#
_entity_poly.entity_id   1
_entity_poly.type   'polypeptide(L)'
_entity_poly.pdbx_seq_one_letter_code
;DEDETTALVCDNGSGLVKAGFAGDDAPRAVFPSIVGRPRHQGVMVGMGQKDSYVGDEAQSKRGILTLKYPIE(HIC)GII
TNWDDMEKIWHHTFYNELRVAPEEHPTLLTEAPLNPKANREKMTQIMFETFNVPAMYVAIQAVLSLYASGRTTGIVLDSG
DGVTHNVPIYEGYALPHAIMRLDLAGRDLTDYLMKILTERGYSFVTTAEREIVRDIKEKLCYVALDFENEMATAASSSSL
EKSYELPDGQVITIGNERFRCPETLFQPSFIGMESAGIHETTYNSIMKCDIDIRKDLYANNVMSGGTTMYPGIADRMQKE
ITALAPSTMKIKIIAPPERKYSVWIGGSILASLSTFQQMWITKQEYDEAGPSIVHRKCF
;
_entity_poly.pdbx_strand_id   A
#
# COMPACT_ATOMS: atom_id res chain seq x y z
N THR A 5 2.94 -22.95 17.72
CA THR A 5 3.60 -22.63 16.42
C THR A 5 3.20 -21.24 15.95
N THR A 6 4.18 -20.42 15.58
N THR A 6 4.19 -20.42 15.59
CA THR A 6 3.93 -19.03 15.22
CA THR A 6 3.95 -19.04 15.19
C THR A 6 3.58 -18.91 13.73
C THR A 6 3.51 -18.99 13.72
N ALA A 7 2.51 -18.17 13.44
CA ALA A 7 2.12 -17.90 12.04
C ALA A 7 2.86 -16.67 11.54
N LEU A 8 3.11 -16.65 10.24
CA LEU A 8 3.79 -15.54 9.59
C LEU A 8 2.78 -14.72 8.82
N VAL A 9 3.06 -13.43 8.72
CA VAL A 9 2.22 -12.52 7.93
C VAL A 9 3.14 -11.77 6.98
N CYS A 10 2.86 -11.83 5.68
CA CYS A 10 3.69 -11.16 4.68
C CYS A 10 2.80 -10.32 3.77
N ASP A 11 2.98 -9.01 3.84
CA ASP A 11 2.26 -8.05 3.01
C ASP A 11 3.17 -7.67 1.84
N ASN A 12 2.78 -8.13 0.66
CA ASN A 12 3.55 -8.04 -0.56
C ASN A 12 3.37 -6.72 -1.28
N GLY A 13 4.00 -5.65 -0.82
CA GLY A 13 3.77 -4.33 -1.42
C GLY A 13 4.56 -4.04 -2.67
N SER A 14 4.05 -3.12 -3.51
CA SER A 14 4.79 -2.67 -4.70
C SER A 14 6.11 -2.02 -4.37
N GLY A 15 6.11 -1.32 -3.24
CA GLY A 15 7.26 -0.61 -2.79
C GLY A 15 8.01 -1.33 -1.69
N LEU A 16 7.27 -1.79 -0.69
CA LEU A 16 7.86 -2.41 0.50
C LEU A 16 7.17 -3.71 0.86
N VAL A 17 7.97 -4.71 1.18
CA VAL A 17 7.45 -5.88 1.85
C VAL A 17 7.40 -5.59 3.34
N LYS A 18 6.27 -5.87 3.96
N LYS A 18 6.26 -5.85 3.96
CA LYS A 18 6.12 -5.82 5.42
CA LYS A 18 6.12 -5.82 5.42
C LYS A 18 5.87 -7.24 5.89
C LYS A 18 5.90 -7.27 5.84
N ALA A 19 6.77 -7.77 6.71
CA ALA A 19 6.68 -9.17 7.12
C ALA A 19 6.95 -9.33 8.61
N GLY A 20 6.38 -10.38 9.19
CA GLY A 20 6.58 -10.61 10.61
C GLY A 20 5.74 -11.74 11.11
N PHE A 21 5.50 -11.73 12.42
CA PHE A 21 4.88 -12.83 13.14
C PHE A 21 3.51 -12.42 13.63
N ALA A 22 2.52 -13.26 13.34
CA ALA A 22 1.17 -13.02 13.86
C ALA A 22 1.18 -12.90 15.38
N GLY A 23 0.48 -11.91 15.88
CA GLY A 23 0.44 -11.61 17.30
C GLY A 23 1.28 -10.42 17.69
N ASP A 24 2.34 -10.15 16.92
CA ASP A 24 3.14 -8.95 17.14
C ASP A 24 2.35 -7.70 16.69
N ASP A 25 2.71 -6.55 17.25
CA ASP A 25 2.04 -5.28 16.93
C ASP A 25 2.52 -4.62 15.64
N ALA A 26 3.69 -5.02 15.16
CA ALA A 26 4.29 -4.38 14.00
C ALA A 26 5.14 -5.39 13.23
N PRO A 27 5.32 -5.16 11.93
CA PRO A 27 6.18 -6.07 11.16
C PRO A 27 7.64 -5.97 11.59
N ARG A 28 8.28 -7.11 11.77
CA ARG A 28 9.70 -7.18 12.12
C ARG A 28 10.59 -6.76 10.96
N ALA A 29 10.12 -6.99 9.75
CA ALA A 29 10.90 -6.79 8.55
C ALA A 29 10.16 -5.86 7.61
N VAL A 30 10.82 -4.78 7.18
CA VAL A 30 10.26 -3.85 6.19
C VAL A 30 11.38 -3.53 5.23
N PHE A 31 11.21 -3.91 3.96
CA PHE A 31 12.31 -3.72 3.01
C PHE A 31 11.80 -3.52 1.59
N PRO A 32 12.60 -2.85 0.75
CA PRO A 32 12.13 -2.61 -0.62
C PRO A 32 11.88 -3.87 -1.44
N SER A 33 10.80 -3.84 -2.20
CA SER A 33 10.36 -4.96 -3.03
C SER A 33 11.14 -4.97 -4.34
N ILE A 34 12.44 -5.24 -4.22
CA ILE A 34 13.38 -5.17 -5.33
C ILE A 34 14.28 -6.39 -5.27
N VAL A 35 14.49 -7.05 -6.41
CA VAL A 35 15.43 -8.14 -6.53
C VAL A 35 16.53 -7.72 -7.50
N GLY A 36 17.78 -7.93 -7.12
CA GLY A 36 18.91 -7.64 -7.99
C GLY A 36 19.51 -8.93 -8.49
N ARG A 37 19.52 -9.12 -9.80
CA ARG A 37 20.06 -10.32 -10.42
C ARG A 37 21.43 -9.99 -10.98
N PRO A 38 22.33 -10.98 -11.00
CA PRO A 38 23.63 -10.69 -11.64
C PRO A 38 23.45 -10.26 -13.09
N ARG A 39 24.24 -9.28 -13.52
CA ARG A 39 24.28 -8.95 -14.94
C ARG A 39 24.86 -10.17 -15.66
N HIS A 40 24.27 -10.53 -16.79
CA HIS A 40 24.69 -11.73 -17.52
C HIS A 40 26.07 -11.57 -18.14
N GLN A 41 26.85 -12.65 -18.09
CA GLN A 41 28.29 -12.65 -18.41
C GLN A 41 29.00 -11.32 -18.16
N ASP A 51 24.03 -15.35 -5.60
CA ASP A 51 24.44 -14.35 -6.56
C ASP A 51 23.42 -13.21 -6.68
N SER A 52 22.19 -13.45 -6.23
CA SER A 52 21.12 -12.45 -6.26
C SER A 52 20.92 -11.81 -4.89
N TYR A 53 20.35 -10.60 -4.90
CA TYR A 53 20.17 -9.79 -3.69
C TYR A 53 18.75 -9.26 -3.68
N VAL A 54 18.28 -8.91 -2.49
CA VAL A 54 16.92 -8.41 -2.32
C VAL A 54 16.98 -7.19 -1.42
N GLY A 55 16.20 -6.16 -1.72
CA GLY A 55 16.03 -5.04 -0.81
C GLY A 55 17.16 -4.03 -0.87
N ASP A 56 17.52 -3.45 0.28
CA ASP A 56 18.58 -2.44 0.32
C ASP A 56 19.89 -2.90 -0.31
N GLU A 57 20.27 -4.16 -0.07
CA GLU A 57 21.55 -4.65 -0.62
C GLU A 57 21.51 -4.72 -2.13
N ALA A 58 20.34 -5.02 -2.71
CA ALA A 58 20.20 -5.02 -4.16
C ALA A 58 20.41 -3.60 -4.70
N GLN A 59 19.83 -2.61 -4.03
CA GLN A 59 20.01 -1.21 -4.46
C GLN A 59 21.46 -0.77 -4.31
N SER A 60 22.07 -1.13 -3.18
N SER A 60 22.09 -1.13 -3.19
CA SER A 60 23.47 -0.80 -2.90
CA SER A 60 23.49 -0.76 -2.94
C SER A 60 24.42 -1.32 -3.98
C SER A 60 24.42 -1.31 -4.01
N LYS A 61 24.16 -2.55 -4.44
CA LYS A 61 25.01 -3.22 -5.42
C LYS A 61 24.47 -3.15 -6.84
N ARG A 62 23.57 -2.20 -7.12
CA ARG A 62 22.96 -2.07 -8.44
C ARG A 62 23.95 -1.98 -9.61
N GLY A 63 25.16 -1.49 -9.36
CA GLY A 63 26.18 -1.40 -10.41
C GLY A 63 26.64 -2.73 -11.01
N ILE A 64 26.42 -3.82 -10.27
CA ILE A 64 26.75 -5.16 -10.76
C ILE A 64 25.52 -6.04 -10.94
N LEU A 65 24.33 -5.44 -10.85
CA LEU A 65 23.08 -6.21 -10.89
C LEU A 65 22.10 -5.59 -11.87
N THR A 66 21.08 -6.37 -12.20
CA THR A 66 19.92 -5.84 -12.90
C THR A 66 18.77 -5.86 -11.91
N LEU A 67 18.18 -4.71 -11.66
CA LEU A 67 17.09 -4.61 -10.69
C LEU A 67 15.75 -4.99 -11.28
N LYS A 68 14.99 -5.75 -10.50
CA LYS A 68 13.69 -6.28 -10.88
C LYS A 68 12.68 -5.83 -9.85
N TYR A 69 11.46 -5.57 -10.33
CA TYR A 69 10.36 -5.04 -9.53
C TYR A 69 9.17 -5.96 -9.75
N PRO A 70 9.12 -7.09 -9.01
CA PRO A 70 8.14 -8.11 -9.31
C PRO A 70 6.70 -7.83 -8.89
N ILE A 71 6.47 -6.75 -8.14
CA ILE A 71 5.12 -6.35 -7.74
C ILE A 71 4.88 -4.98 -8.36
N GLU A 72 3.95 -4.93 -9.31
CA GLU A 72 3.69 -3.74 -10.11
C GLU A 72 2.24 -3.37 -9.90
N GLY A 74 0.70 -3.37 -7.30
CA GLY A 74 0.11 -4.31 -6.37
C GLY A 74 -0.03 -5.75 -6.82
N ILE A 75 0.20 -6.01 -8.10
CA ILE A 75 0.04 -7.35 -8.66
C ILE A 75 1.41 -7.98 -8.88
N ILE A 76 1.55 -9.24 -8.45
CA ILE A 76 2.80 -9.95 -8.66
C ILE A 76 2.86 -10.36 -10.13
N THR A 77 3.94 -9.95 -10.80
CA THR A 77 4.09 -10.16 -12.24
C THR A 77 5.30 -10.99 -12.65
N ASN A 78 6.25 -11.23 -11.74
CA ASN A 78 7.33 -12.16 -12.02
C ASN A 78 7.50 -13.12 -10.85
N TRP A 79 7.19 -14.38 -11.10
CA TRP A 79 7.13 -15.38 -10.04
C TRP A 79 8.51 -15.83 -9.57
N ASP A 80 9.47 -15.89 -10.49
CA ASP A 80 10.82 -16.27 -10.09
C ASP A 80 11.42 -15.21 -9.17
N ASP A 81 11.20 -13.95 -9.51
CA ASP A 81 11.68 -12.85 -8.68
C ASP A 81 10.90 -12.80 -7.36
N MET A 82 9.61 -13.08 -7.41
CA MET A 82 8.83 -13.10 -6.17
C MET A 82 9.29 -14.21 -5.24
N GLU A 83 9.65 -15.36 -5.80
N GLU A 83 9.65 -15.38 -5.79
CA GLU A 83 10.18 -16.46 -5.01
CA GLU A 83 10.19 -16.45 -4.98
C GLU A 83 11.44 -16.00 -4.26
C GLU A 83 11.45 -15.98 -4.25
N LYS A 84 12.29 -15.21 -4.94
CA LYS A 84 13.50 -14.67 -4.30
C LYS A 84 13.13 -13.72 -3.16
N ILE A 85 12.12 -12.88 -3.36
CA ILE A 85 11.66 -12.01 -2.28
C ILE A 85 11.17 -12.82 -1.09
N TRP A 86 10.37 -13.85 -1.35
CA TRP A 86 9.86 -14.66 -0.25
C TRP A 86 10.97 -15.45 0.43
N HIS A 87 11.89 -16.00 -0.35
CA HIS A 87 13.05 -16.69 0.23
C HIS A 87 13.82 -15.77 1.18
N HIS A 88 14.07 -14.55 0.73
CA HIS A 88 14.76 -13.55 1.54
C HIS A 88 13.96 -13.23 2.80
N THR A 89 12.65 -13.08 2.64
CA THR A 89 11.77 -12.81 3.78
C THR A 89 11.89 -13.89 4.85
N PHE A 90 11.77 -15.16 4.44
CA PHE A 90 11.79 -16.25 5.41
C PHE A 90 13.17 -16.40 6.03
N TYR A 91 14.19 -16.52 5.19
CA TYR A 91 15.48 -17.00 5.64
C TYR A 91 16.40 -15.90 6.12
N ASN A 92 16.37 -14.74 5.48
CA ASN A 92 17.27 -13.65 5.85
C ASN A 92 16.67 -12.66 6.81
N GLU A 93 15.40 -12.33 6.64
CA GLU A 93 14.76 -11.34 7.48
C GLU A 93 14.18 -11.96 8.75
N LEU A 94 13.27 -12.92 8.61
CA LEU A 94 12.58 -13.51 9.77
C LEU A 94 13.35 -14.66 10.41
N ARG A 95 14.27 -15.26 9.65
CA ARG A 95 15.11 -16.34 10.14
C ARG A 95 14.28 -17.53 10.62
N VAL A 96 13.37 -17.96 9.75
CA VAL A 96 12.50 -19.10 10.00
C VAL A 96 12.60 -20.09 8.85
N ALA A 97 12.19 -21.33 9.12
CA ALA A 97 11.99 -22.30 8.06
C ALA A 97 10.51 -22.28 7.71
N PRO A 98 10.17 -21.93 6.45
CA PRO A 98 8.75 -21.76 6.13
C PRO A 98 7.91 -23.03 6.28
N GLU A 99 8.54 -24.19 6.12
CA GLU A 99 7.84 -25.44 6.31
C GLU A 99 7.34 -25.66 7.75
N GLU A 100 7.75 -24.80 8.68
CA GLU A 100 7.34 -24.89 10.07
C GLU A 100 6.26 -23.87 10.48
N HIS A 101 5.79 -23.03 9.56
CA HIS A 101 4.88 -21.93 9.93
C HIS A 101 3.72 -21.72 8.96
N PRO A 102 2.47 -21.71 9.48
CA PRO A 102 1.37 -21.23 8.64
C PRO A 102 1.68 -19.81 8.18
N THR A 103 1.39 -19.50 6.92
CA THR A 103 1.78 -18.20 6.34
C THR A 103 0.58 -17.51 5.69
N LEU A 104 0.28 -16.31 6.19
CA LEU A 104 -0.75 -15.47 5.61
C LEU A 104 -0.08 -14.47 4.68
N LEU A 105 -0.51 -14.48 3.43
CA LEU A 105 -0.03 -13.55 2.41
C LEU A 105 -1.14 -12.57 2.09
N THR A 106 -0.75 -11.38 1.61
CA THR A 106 -1.74 -10.40 1.19
C THR A 106 -1.74 -10.29 -0.33
N GLU A 107 -2.86 -9.80 -0.85
CA GLU A 107 -3.01 -9.52 -2.27
C GLU A 107 -3.76 -8.22 -2.46
N ALA A 108 -3.59 -7.63 -3.64
CA ALA A 108 -4.30 -6.43 -4.00
C ALA A 108 -5.75 -6.73 -4.28
N PRO A 109 -6.60 -5.71 -4.11
CA PRO A 109 -7.96 -5.83 -4.59
C PRO A 109 -7.96 -6.18 -6.08
N LEU A 110 -8.97 -6.94 -6.49
CA LEU A 110 -9.13 -7.39 -7.88
C LEU A 110 -7.93 -8.19 -8.41
N ASN A 111 -7.26 -8.94 -7.54
CA ASN A 111 -6.20 -9.84 -7.97
C ASN A 111 -6.81 -10.98 -8.79
N PRO A 112 -6.30 -11.26 -9.99
CA PRO A 112 -6.86 -12.37 -10.76
C PRO A 112 -6.81 -13.71 -10.02
N LYS A 113 -7.83 -14.53 -10.22
CA LYS A 113 -7.88 -15.87 -9.62
C LYS A 113 -6.61 -16.68 -9.88
N ALA A 114 -6.08 -16.63 -11.10
CA ALA A 114 -4.87 -17.41 -11.45
C ALA A 114 -3.66 -16.96 -10.65
N ASN A 115 -3.64 -15.69 -10.30
CA ASN A 115 -2.55 -15.12 -9.55
C ASN A 115 -2.57 -15.67 -8.11
N ARG A 116 -3.73 -15.64 -7.46
CA ARG A 116 -3.86 -16.22 -6.12
C ARG A 116 -3.52 -17.70 -6.14
N GLU A 117 -3.91 -18.40 -7.19
CA GLU A 117 -3.57 -19.82 -7.32
C GLU A 117 -2.07 -20.04 -7.45
N LYS A 118 -1.39 -19.18 -8.18
CA LYS A 118 0.05 -19.30 -8.33
C LYS A 118 0.79 -19.04 -7.03
N MET A 119 0.34 -18.02 -6.28
N MET A 119 0.35 -18.03 -6.28
CA MET A 119 0.85 -17.72 -4.94
CA MET A 119 0.91 -17.76 -4.98
C MET A 119 0.75 -18.95 -4.04
C MET A 119 0.76 -18.97 -4.06
N THR A 120 -0.41 -19.62 -4.12
CA THR A 120 -0.69 -20.82 -3.33
C THR A 120 0.22 -21.98 -3.73
N GLN A 121 0.35 -22.19 -5.03
N GLN A 121 0.37 -22.17 -5.04
CA GLN A 121 1.22 -23.24 -5.56
CA GLN A 121 1.20 -23.23 -5.57
C GLN A 121 2.65 -23.05 -5.06
C GLN A 121 2.66 -23.06 -5.12
N ILE A 122 3.15 -21.83 -5.15
CA ILE A 122 4.53 -21.57 -4.73
C ILE A 122 4.71 -21.81 -3.23
N MET A 123 3.78 -21.33 -2.43
CA MET A 123 3.91 -21.52 -0.99
C MET A 123 3.98 -23.00 -0.62
N PHE A 124 3.13 -23.80 -1.23
CA PHE A 124 3.07 -25.24 -0.92
C PHE A 124 4.16 -26.05 -1.61
N GLU A 125 4.39 -25.81 -2.89
CA GLU A 125 5.35 -26.64 -3.64
C GLU A 125 6.78 -26.18 -3.52
N THR A 126 7.01 -24.87 -3.46
CA THR A 126 8.37 -24.35 -3.35
C THR A 126 8.80 -24.30 -1.89
N PHE A 127 7.97 -23.68 -1.04
CA PHE A 127 8.35 -23.44 0.34
C PHE A 127 7.85 -24.50 1.33
N ASN A 128 6.95 -25.36 0.88
N ASN A 128 6.93 -25.35 0.87
CA ASN A 128 6.40 -26.44 1.72
CA ASN A 128 6.39 -26.43 1.70
C ASN A 128 5.78 -25.93 3.02
C ASN A 128 5.80 -25.92 3.02
N VAL A 129 5.10 -24.79 2.98
CA VAL A 129 4.43 -24.30 4.18
C VAL A 129 3.36 -25.33 4.62
N PRO A 130 3.13 -25.46 5.93
CA PRO A 130 2.12 -26.40 6.38
C PRO A 130 0.69 -25.93 6.08
N ALA A 131 0.52 -24.61 5.96
CA ALA A 131 -0.78 -24.02 5.77
C ALA A 131 -0.57 -22.59 5.31
N MET A 132 -1.58 -22.04 4.65
CA MET A 132 -1.51 -20.65 4.21
C MET A 132 -2.89 -20.09 3.92
N TYR A 133 -2.93 -18.78 3.68
CA TYR A 133 -4.16 -18.07 3.36
C TYR A 133 -3.75 -16.82 2.63
N VAL A 134 -4.61 -16.34 1.74
CA VAL A 134 -4.36 -15.06 1.07
C VAL A 134 -5.54 -14.14 1.34
N ALA A 135 -5.24 -12.98 1.93
CA ALA A 135 -6.25 -11.97 2.26
C ALA A 135 -6.04 -10.69 1.47
N ILE A 136 -7.14 -9.98 1.23
CA ILE A 136 -7.09 -8.72 0.50
C ILE A 136 -6.59 -7.61 1.42
N GLN A 137 -5.62 -6.85 0.94
CA GLN A 137 -4.95 -5.85 1.73
C GLN A 137 -5.93 -4.88 2.41
N ALA A 138 -6.83 -4.26 1.65
CA ALA A 138 -7.72 -3.26 2.23
C ALA A 138 -8.61 -3.86 3.31
N VAL A 139 -9.00 -5.11 3.14
CA VAL A 139 -9.86 -5.78 4.12
C VAL A 139 -9.11 -5.88 5.46
N LEU A 140 -7.84 -6.26 5.39
CA LEU A 140 -7.04 -6.34 6.59
C LEU A 140 -6.92 -4.99 7.28
N SER A 141 -6.76 -3.93 6.50
CA SER A 141 -6.67 -2.59 7.11
C SER A 141 -7.96 -2.23 7.85
N LEU A 142 -9.10 -2.60 7.30
CA LEU A 142 -10.36 -2.38 8.00
C LEU A 142 -10.37 -3.12 9.35
N TYR A 143 -9.94 -4.37 9.35
CA TYR A 143 -9.93 -5.12 10.60
C TYR A 143 -9.02 -4.47 11.62
N ALA A 144 -7.89 -3.94 11.17
CA ALA A 144 -6.94 -3.26 12.05
C ALA A 144 -7.52 -1.99 12.68
N SER A 145 -8.58 -1.43 12.08
CA SER A 145 -9.27 -0.27 12.64
C SER A 145 -10.38 -0.68 13.60
N GLY A 146 -10.58 -1.98 13.79
CA GLY A 146 -11.59 -2.48 14.73
C GLY A 146 -12.99 -2.55 14.17
N ARG A 147 -13.08 -2.71 12.85
CA ARG A 147 -14.36 -2.67 12.10
C ARG A 147 -14.45 -3.83 11.13
N THR A 148 -15.67 -4.26 10.84
CA THR A 148 -15.92 -5.18 9.72
C THR A 148 -16.80 -4.59 8.62
N THR A 149 -17.33 -3.38 8.82
CA THR A 149 -18.02 -2.64 7.77
C THR A 149 -17.40 -1.25 7.64
N GLY A 150 -17.10 -0.86 6.41
CA GLY A 150 -16.53 0.45 6.14
C GLY A 150 -15.98 0.48 4.74
N ILE A 151 -15.43 1.63 4.36
CA ILE A 151 -14.80 1.77 3.06
C ILE A 151 -13.37 2.24 3.27
N VAL A 152 -12.43 1.45 2.77
CA VAL A 152 -11.02 1.71 2.91
C VAL A 152 -10.48 2.45 1.69
N LEU A 153 -9.70 3.49 1.93
CA LEU A 153 -8.84 4.09 0.91
C LEU A 153 -7.44 3.61 1.24
N ASP A 154 -6.90 2.71 0.41
CA ASP A 154 -5.56 2.16 0.63
C ASP A 154 -4.68 2.72 -0.46
N SER A 155 -3.67 3.48 -0.10
CA SER A 155 -2.79 4.11 -1.08
C SER A 155 -1.36 3.85 -0.66
N GLY A 156 -0.65 3.10 -1.49
CA GLY A 156 0.70 2.67 -1.19
C GLY A 156 1.71 3.32 -2.11
N ASP A 157 2.64 2.53 -2.62
CA ASP A 157 3.68 3.03 -3.52
C ASP A 157 3.26 2.88 -4.98
N GLY A 158 2.48 1.84 -5.27
CA GLY A 158 2.17 1.47 -6.63
C GLY A 158 0.74 1.66 -7.07
N VAL A 159 -0.19 1.58 -6.15
CA VAL A 159 -1.60 1.65 -6.53
C VAL A 159 -2.43 2.18 -5.39
N THR A 160 -3.57 2.76 -5.73
CA THR A 160 -4.55 3.23 -4.78
C THR A 160 -5.89 2.56 -5.07
N HIS A 161 -6.57 2.10 -4.02
CA HIS A 161 -7.91 1.52 -4.17
C HIS A 161 -8.87 2.09 -3.17
N ASN A 162 -10.12 2.16 -3.59
CA ASN A 162 -11.26 2.33 -2.69
C ASN A 162 -11.94 0.96 -2.57
N VAL A 163 -12.07 0.43 -1.36
CA VAL A 163 -12.62 -0.90 -1.16
C VAL A 163 -13.71 -0.86 -0.11
N PRO A 164 -14.99 -0.90 -0.54
CA PRO A 164 -16.10 -0.97 0.38
C PRO A 164 -16.27 -2.41 0.88
N ILE A 165 -16.54 -2.56 2.17
CA ILE A 165 -16.51 -3.83 2.86
C ILE A 165 -17.74 -3.90 3.76
N TYR A 166 -18.48 -5.00 3.66
CA TYR A 166 -19.71 -5.17 4.43
C TYR A 166 -19.67 -6.50 5.15
N GLU A 167 -19.85 -6.45 6.47
N GLU A 167 -19.91 -6.46 6.47
CA GLU A 167 -19.90 -7.65 7.29
CA GLU A 167 -19.88 -7.65 7.30
C GLU A 167 -18.67 -8.53 7.06
C GLU A 167 -18.67 -8.53 7.00
N GLY A 168 -17.51 -7.89 6.93
CA GLY A 168 -16.24 -8.58 6.83
C GLY A 168 -15.71 -8.87 5.44
N TYR A 169 -16.50 -8.63 4.39
CA TYR A 169 -16.09 -8.98 3.02
C TYR A 169 -16.11 -7.79 2.08
N ALA A 170 -15.06 -7.68 1.28
CA ALA A 170 -15.03 -6.71 0.19
C ALA A 170 -16.19 -6.95 -0.75
N LEU A 171 -16.65 -5.87 -1.34
CA LEU A 171 -17.69 -5.89 -2.37
C LEU A 171 -17.00 -5.64 -3.71
N PRO A 172 -16.58 -6.71 -4.40
CA PRO A 172 -15.70 -6.47 -5.57
C PRO A 172 -16.28 -5.62 -6.69
N HIS A 173 -17.59 -5.68 -6.90
CA HIS A 173 -18.21 -4.89 -7.96
C HIS A 173 -18.08 -3.38 -7.72
N ALA A 174 -17.82 -2.97 -6.47
CA ALA A 174 -17.78 -1.56 -6.08
C ALA A 174 -16.38 -1.05 -5.81
N ILE A 175 -15.38 -1.90 -6.00
CA ILE A 175 -14.00 -1.49 -5.81
C ILE A 175 -13.62 -0.50 -6.90
N MET A 176 -12.92 0.58 -6.52
CA MET A 176 -12.36 1.51 -7.49
C MET A 176 -10.85 1.50 -7.38
N ARG A 177 -10.17 1.75 -8.49
N ARG A 177 -10.20 1.81 -8.48
CA ARG A 177 -8.70 1.75 -8.53
CA ARG A 177 -8.75 1.77 -8.59
C ARG A 177 -8.14 2.96 -9.23
C ARG A 177 -8.30 3.11 -9.14
N LEU A 178 -7.27 3.69 -8.54
CA LEU A 178 -6.57 4.85 -9.11
C LEU A 178 -5.15 4.41 -9.39
N ASP A 179 -4.75 4.52 -10.66
CA ASP A 179 -3.48 4.04 -11.12
C ASP A 179 -2.37 5.07 -10.81
N LEU A 180 -2.38 5.60 -9.59
CA LEU A 180 -1.32 6.49 -9.13
C LEU A 180 -1.23 6.38 -7.62
N ALA A 181 0.00 6.42 -7.13
CA ALA A 181 0.24 6.31 -5.69
C ALA A 181 1.59 6.95 -5.39
N GLY A 182 2.26 6.46 -4.35
CA GLY A 182 3.43 7.13 -3.82
C GLY A 182 4.57 7.32 -4.83
N ARG A 183 4.83 6.33 -5.67
CA ARG A 183 5.94 6.44 -6.63
C ARG A 183 5.68 7.57 -7.61
N ASP A 184 4.44 7.70 -8.03
CA ASP A 184 4.07 8.77 -8.94
C ASP A 184 4.22 10.14 -8.29
N LEU A 185 3.91 10.22 -7.00
CA LEU A 185 4.06 11.48 -6.30
C LEU A 185 5.54 11.83 -6.13
N THR A 186 6.38 10.84 -5.86
CA THR A 186 7.82 11.07 -5.81
C THR A 186 8.33 11.55 -7.16
N ASP A 187 7.90 10.87 -8.21
CA ASP A 187 8.31 11.26 -9.56
C ASP A 187 7.88 12.68 -9.90
N TYR A 188 6.68 13.07 -9.48
CA TYR A 188 6.18 14.40 -9.75
C TYR A 188 6.98 15.46 -9.00
N LEU A 189 7.28 15.21 -7.72
CA LEU A 189 8.14 16.12 -6.99
C LEU A 189 9.52 16.22 -7.62
N MET A 190 10.03 15.11 -8.11
N MET A 190 10.07 15.09 -8.09
CA MET A 190 11.31 15.14 -8.79
CA MET A 190 11.35 15.09 -8.82
C MET A 190 11.27 16.06 -10.01
C MET A 190 11.27 16.05 -10.00
N LYS A 191 10.18 15.97 -10.76
CA LYS A 191 10.00 16.80 -11.95
C LYS A 191 9.95 18.28 -11.58
N ILE A 192 9.16 18.60 -10.55
CA ILE A 192 9.01 19.99 -10.09
C ILE A 192 10.36 20.54 -9.63
N LEU A 193 11.11 19.77 -8.85
CA LEU A 193 12.39 20.29 -8.35
C LEU A 193 13.45 20.36 -9.44
N THR A 194 13.40 19.42 -10.37
CA THR A 194 14.30 19.42 -11.53
C THR A 194 14.11 20.67 -12.37
N GLU A 195 12.85 21.03 -12.61
CA GLU A 195 12.58 22.22 -13.42
C GLU A 195 13.13 23.47 -12.74
N ARG A 196 13.12 23.50 -11.40
CA ARG A 196 13.68 24.60 -10.63
C ARG A 196 15.21 24.65 -10.55
N GLY A 197 15.89 23.71 -11.21
CA GLY A 197 17.34 23.74 -11.32
C GLY A 197 18.09 22.73 -10.47
N TYR A 198 17.36 21.91 -9.71
CA TYR A 198 17.95 20.84 -8.91
C TYR A 198 17.68 19.50 -9.60
N SER A 199 18.67 19.00 -10.33
CA SER A 199 18.50 17.79 -11.11
C SER A 199 18.33 16.56 -10.22
N PHE A 200 17.13 16.00 -10.24
CA PHE A 200 16.88 14.71 -9.61
C PHE A 200 16.34 13.78 -10.70
N VAL A 201 17.14 12.80 -11.09
CA VAL A 201 16.79 11.87 -12.16
C VAL A 201 17.21 10.43 -11.86
N THR A 202 18.36 10.28 -11.21
CA THR A 202 18.92 8.96 -10.89
C THR A 202 18.25 8.36 -9.64
N THR A 203 18.66 7.14 -9.29
CA THR A 203 18.09 6.43 -8.14
C THR A 203 18.54 7.02 -6.80
N ALA A 204 19.80 7.43 -6.70
CA ALA A 204 20.31 8.07 -5.47
C ALA A 204 19.63 9.43 -5.24
N GLU A 205 19.40 10.16 -6.33
CA GLU A 205 18.65 11.41 -6.30
C GLU A 205 17.21 11.19 -5.94
N ARG A 206 16.64 10.12 -6.49
CA ARG A 206 15.26 9.76 -6.23
C ARG A 206 15.00 9.53 -4.75
N GLU A 207 15.91 8.83 -4.08
CA GLU A 207 15.72 8.54 -2.67
C GLU A 207 15.65 9.83 -1.85
N ILE A 208 16.42 10.83 -2.26
CA ILE A 208 16.41 12.12 -1.60
C ILE A 208 15.04 12.77 -1.77
N VAL A 209 14.54 12.76 -3.01
CA VAL A 209 13.24 13.35 -3.28
C VAL A 209 12.12 12.60 -2.52
N ARG A 210 12.19 11.28 -2.46
CA ARG A 210 11.22 10.53 -1.65
C ARG A 210 11.25 11.02 -0.21
N ASP A 211 12.44 11.25 0.32
CA ASP A 211 12.55 11.71 1.70
C ASP A 211 11.97 13.11 1.88
N ILE A 212 12.28 14.02 0.94
CA ILE A 212 11.70 15.37 0.96
C ILE A 212 10.16 15.28 0.98
N LYS A 213 9.61 14.45 0.10
CA LYS A 213 8.16 14.24 0.02
C LYS A 213 7.58 13.81 1.37
N GLU A 214 8.18 12.79 1.97
CA GLU A 214 7.66 12.22 3.20
C GLU A 214 7.79 13.18 4.37
N LYS A 215 8.84 13.99 4.36
CA LYS A 215 9.12 14.89 5.48
C LYS A 215 8.40 16.23 5.42
N LEU A 216 8.20 16.74 4.21
CA LEU A 216 7.75 18.12 4.04
C LEU A 216 6.42 18.32 3.33
N CYS A 217 5.91 17.33 2.62
CA CYS A 217 4.68 17.53 1.88
C CYS A 217 3.45 17.41 2.77
N TYR A 218 2.36 18.04 2.34
CA TYR A 218 1.10 17.96 3.06
C TYR A 218 -0.04 18.24 2.11
N VAL A 219 -1.25 17.87 2.51
CA VAL A 219 -2.44 18.13 1.70
C VAL A 219 -3.13 19.40 2.19
N ALA A 220 -3.32 20.34 1.26
CA ALA A 220 -4.02 21.59 1.55
C ALA A 220 -5.49 21.34 1.77
N LEU A 221 -6.09 22.08 2.71
CA LEU A 221 -7.54 21.98 2.92
C LEU A 221 -8.29 22.58 1.74
N ASP A 222 -7.79 23.72 1.25
CA ASP A 222 -8.32 24.40 0.09
C ASP A 222 -7.12 24.78 -0.79
N PHE A 223 -6.99 24.11 -1.93
CA PHE A 223 -5.80 24.25 -2.77
C PHE A 223 -5.58 25.66 -3.28
N GLU A 224 -6.65 26.28 -3.79
CA GLU A 224 -6.53 27.66 -4.27
C GLU A 224 -6.14 28.64 -3.16
N ASN A 225 -6.75 28.51 -1.98
CA ASN A 225 -6.37 29.35 -0.85
C ASN A 225 -4.91 29.16 -0.48
N GLU A 226 -4.46 27.90 -0.49
CA GLU A 226 -3.09 27.60 -0.10
C GLU A 226 -2.08 28.15 -1.12
N MET A 227 -2.42 28.06 -2.41
CA MET A 227 -1.60 28.71 -3.44
C MET A 227 -1.47 30.21 -3.20
N ALA A 228 -2.57 30.85 -2.85
CA ALA A 228 -2.56 32.28 -2.56
C ALA A 228 -1.68 32.62 -1.37
N THR A 229 -1.78 31.81 -0.33
CA THR A 229 -0.94 31.98 0.85
C THR A 229 0.53 31.86 0.50
N ALA A 230 0.88 30.81 -0.24
CA ALA A 230 2.27 30.59 -0.62
C ALA A 230 2.81 31.69 -1.51
N ALA A 231 1.95 32.30 -2.32
CA ALA A 231 2.36 33.37 -3.23
C ALA A 231 2.64 34.69 -2.49
N SER A 232 2.06 34.85 -1.30
CA SER A 232 2.03 36.16 -0.64
C SER A 232 2.80 36.21 0.67
N SER A 233 3.38 35.09 1.07
CA SER A 233 4.02 34.95 2.37
C SER A 233 5.05 33.86 2.31
N SER A 234 6.00 33.90 3.23
CA SER A 234 6.96 32.82 3.37
C SER A 234 6.53 31.82 4.43
N SER A 235 5.31 31.96 4.94
CA SER A 235 4.88 31.20 6.12
C SER A 235 4.81 29.68 5.89
N LEU A 236 4.71 29.25 4.64
CA LEU A 236 4.62 27.82 4.32
C LEU A 236 5.94 27.23 3.87
N GLU A 237 7.00 28.02 3.91
CA GLU A 237 8.29 27.56 3.41
C GLU A 237 8.98 26.65 4.41
N LYS A 238 9.64 25.63 3.86
CA LYS A 238 10.47 24.73 4.64
C LYS A 238 11.74 24.49 3.86
N SER A 239 12.83 24.28 4.59
CA SER A 239 14.11 24.03 3.96
C SER A 239 14.61 22.63 4.25
N TYR A 240 15.44 22.13 3.35
CA TYR A 240 15.93 20.77 3.41
C TYR A 240 17.36 20.75 2.88
N GLU A 241 18.28 20.16 3.63
CA GLU A 241 19.68 20.12 3.22
C GLU A 241 19.93 18.86 2.40
N LEU A 242 20.36 19.04 1.16
CA LEU A 242 20.69 17.94 0.26
C LEU A 242 22.02 17.30 0.67
N PRO A 243 22.27 16.07 0.22
CA PRO A 243 23.56 15.43 0.52
C PRO A 243 24.78 16.21 0.02
N ASP A 244 24.65 17.04 -1.00
CA ASP A 244 25.77 17.86 -1.49
C ASP A 244 25.95 19.16 -0.69
N GLY A 245 25.15 19.33 0.36
CA GLY A 245 25.23 20.52 1.20
C GLY A 245 24.36 21.70 0.78
N GLN A 246 23.81 21.66 -0.42
CA GLN A 246 22.84 22.68 -0.84
C GLN A 246 21.61 22.61 0.05
N VAL A 247 21.07 23.77 0.39
CA VAL A 247 19.80 23.85 1.12
C VAL A 247 18.72 24.29 0.14
N ILE A 248 17.74 23.42 -0.08
CA ILE A 248 16.60 23.75 -0.94
C ILE A 248 15.43 24.19 -0.08
N THR A 249 14.77 25.25 -0.51
CA THR A 249 13.56 25.72 0.15
C THR A 249 12.37 25.46 -0.77
N ILE A 250 11.31 24.90 -0.21
CA ILE A 250 10.08 24.68 -0.93
C ILE A 250 8.92 25.27 -0.17
N GLY A 251 7.90 25.71 -0.91
CA GLY A 251 6.68 26.28 -0.36
C GLY A 251 5.49 25.58 -0.99
N ASN A 252 5.00 26.10 -2.10
CA ASN A 252 3.84 25.46 -2.74
C ASN A 252 4.09 24.05 -3.25
N GLU A 253 5.34 23.69 -3.48
CA GLU A 253 5.64 22.32 -3.88
C GLU A 253 5.21 21.33 -2.79
N ARG A 254 5.23 21.79 -1.53
CA ARG A 254 4.85 20.94 -0.41
C ARG A 254 3.46 20.34 -0.60
N PHE A 255 2.53 21.15 -1.07
CA PHE A 255 1.15 20.69 -1.21
C PHE A 255 0.72 20.46 -2.65
N ARG A 256 1.43 21.01 -3.62
CA ARG A 256 1.16 20.70 -5.03
C ARG A 256 1.38 19.22 -5.34
N CYS A 257 2.40 18.64 -4.71
CA CYS A 257 2.74 17.24 -4.99
C CYS A 257 1.59 16.31 -4.63
N PRO A 258 1.17 16.27 -3.34
CA PRO A 258 0.04 15.37 -3.04
C PRO A 258 -1.32 15.84 -3.53
N GLU A 259 -1.45 17.10 -3.95
CA GLU A 259 -2.71 17.55 -4.57
C GLU A 259 -3.07 16.63 -5.75
N THR A 260 -2.06 16.05 -6.38
CA THR A 260 -2.25 15.12 -7.48
C THR A 260 -3.22 13.99 -7.14
N LEU A 261 -3.27 13.57 -5.87
CA LEU A 261 -4.23 12.55 -5.47
C LEU A 261 -5.68 12.97 -5.71
N PHE A 262 -5.95 14.26 -5.54
CA PHE A 262 -7.27 14.85 -5.75
C PHE A 262 -7.43 15.36 -7.19
N GLN A 263 -6.33 15.73 -7.84
CA GLN A 263 -6.32 16.21 -9.23
C GLN A 263 -5.27 15.46 -10.05
N PRO A 264 -5.59 14.23 -10.47
CA PRO A 264 -4.64 13.46 -11.26
C PRO A 264 -4.18 14.10 -12.56
N SER A 265 -4.92 15.10 -13.04
CA SER A 265 -4.49 15.88 -14.21
C SER A 265 -3.12 16.55 -14.01
N PHE A 266 -2.70 16.75 -12.76
CA PHE A 266 -1.37 17.32 -12.47
C PHE A 266 -0.25 16.50 -13.10
N ILE A 267 -0.45 15.19 -13.25
CA ILE A 267 0.54 14.34 -13.93
C ILE A 267 -0.01 13.77 -15.24
N GLY A 268 -0.98 14.46 -15.81
CA GLY A 268 -1.52 14.11 -17.13
C GLY A 268 -2.47 12.93 -17.17
N MET A 269 -3.05 12.57 -16.03
CA MET A 269 -4.03 11.49 -15.97
C MET A 269 -5.43 12.05 -16.00
N GLU A 270 -6.31 11.41 -16.77
CA GLU A 270 -7.71 11.83 -16.89
C GLU A 270 -8.59 11.33 -15.75
N SER A 271 -8.00 10.58 -14.83
CA SER A 271 -8.75 9.90 -13.80
C SER A 271 -9.38 10.83 -12.77
N ALA A 272 -10.48 10.35 -12.21
CA ALA A 272 -11.09 10.95 -11.03
C ALA A 272 -10.11 10.89 -9.87
N GLY A 273 -10.15 11.92 -9.02
CA GLY A 273 -9.31 11.98 -7.81
C GLY A 273 -9.86 11.10 -6.70
N ILE A 274 -9.07 10.91 -5.64
CA ILE A 274 -9.42 9.97 -4.58
C ILE A 274 -10.71 10.26 -3.83
N HIS A 275 -11.10 11.52 -3.76
CA HIS A 275 -12.39 11.86 -3.17
C HIS A 275 -13.55 11.40 -4.06
N GLU A 276 -13.39 11.55 -5.37
N GLU A 276 -13.39 11.56 -5.37
CA GLU A 276 -14.41 11.16 -6.33
CA GLU A 276 -14.44 11.18 -6.30
C GLU A 276 -14.55 9.65 -6.40
C GLU A 276 -14.55 9.66 -6.44
N THR A 277 -13.42 8.95 -6.38
CA THR A 277 -13.42 7.50 -6.43
C THR A 277 -14.02 6.94 -5.14
N THR A 278 -13.78 7.59 -4.01
CA THR A 278 -14.41 7.17 -2.76
C THR A 278 -15.93 7.27 -2.87
N TYR A 279 -16.40 8.44 -3.30
CA TYR A 279 -17.83 8.65 -3.52
C TYR A 279 -18.42 7.67 -4.54
N ASN A 280 -17.76 7.52 -5.68
CA ASN A 280 -18.25 6.60 -6.71
C ASN A 280 -18.37 5.18 -6.17
N SER A 281 -17.40 4.77 -5.37
CA SER A 281 -17.41 3.43 -4.80
C SER A 281 -18.61 3.26 -3.87
N ILE A 282 -18.86 4.24 -3.01
CA ILE A 282 -20.01 4.19 -2.12
C ILE A 282 -21.30 4.10 -2.95
N MET A 283 -21.35 4.83 -4.05
CA MET A 283 -22.55 4.84 -4.91
C MET A 283 -22.79 3.55 -5.71
N LYS A 284 -21.78 2.68 -5.79
N LYS A 284 -21.78 2.69 -5.80
CA LYS A 284 -21.93 1.37 -6.39
CA LYS A 284 -21.96 1.36 -6.40
C LYS A 284 -22.52 0.38 -5.39
C LYS A 284 -22.59 0.41 -5.40
N CYS A 285 -22.51 0.74 -4.12
CA CYS A 285 -22.98 -0.13 -3.07
C CYS A 285 -24.45 0.00 -2.79
N ASP A 286 -24.99 -1.05 -2.21
CA ASP A 286 -26.38 -1.12 -1.82
C ASP A 286 -26.75 0.15 -1.09
N ILE A 287 -27.80 0.81 -1.58
CA ILE A 287 -28.25 2.05 -0.98
C ILE A 287 -28.43 1.92 0.54
N ASP A 288 -28.78 0.72 1.02
CA ASP A 288 -29.01 0.47 2.45
C ASP A 288 -27.75 0.47 3.34
N ILE A 289 -26.57 0.34 2.75
CA ILE A 289 -25.32 0.34 3.53
C ILE A 289 -24.49 1.61 3.40
N ARG A 290 -24.91 2.54 2.54
CA ARG A 290 -24.09 3.73 2.27
C ARG A 290 -23.88 4.59 3.53
N LYS A 291 -24.93 4.72 4.33
CA LYS A 291 -24.82 5.49 5.56
C LYS A 291 -23.66 4.98 6.41
N ASP A 292 -23.53 3.67 6.54
CA ASP A 292 -22.46 3.06 7.33
C ASP A 292 -21.10 3.26 6.66
N LEU A 293 -21.04 3.24 5.33
CA LEU A 293 -19.77 3.48 4.65
C LEU A 293 -19.29 4.92 4.85
N TYR A 294 -20.20 5.88 4.69
CA TYR A 294 -19.86 7.29 4.89
C TYR A 294 -19.30 7.58 6.27
N ALA A 295 -19.83 6.89 7.28
CA ALA A 295 -19.40 7.06 8.66
C ALA A 295 -18.14 6.26 9.03
N ASN A 296 -17.61 5.49 8.07
CA ASN A 296 -16.49 4.59 8.35
C ASN A 296 -15.50 4.55 7.19
N ASN A 297 -14.99 5.71 6.80
N ASN A 297 -15.05 5.72 6.75
CA ASN A 297 -13.98 5.78 5.74
CA ASN A 297 -13.96 5.83 5.78
C ASN A 297 -12.57 5.72 6.34
C ASN A 297 -12.66 5.61 6.54
N VAL A 298 -11.94 4.55 6.21
CA VAL A 298 -10.67 4.26 6.85
C VAL A 298 -9.54 4.44 5.86
N MET A 299 -8.53 5.22 6.24
N MET A 299 -8.51 5.19 6.23
CA MET A 299 -7.34 5.50 5.43
CA MET A 299 -7.34 5.38 5.36
C MET A 299 -6.21 4.56 5.81
C MET A 299 -6.21 4.48 5.77
N SER A 300 -5.62 3.91 4.81
N SER A 300 -5.55 3.94 4.75
CA SER A 300 -4.42 3.11 5.08
CA SER A 300 -4.51 2.94 4.94
C SER A 300 -3.37 3.26 4.00
C SER A 300 -3.37 3.20 3.94
N GLY A 301 -2.14 2.91 4.34
CA GLY A 301 -1.02 2.97 3.44
C GLY A 301 -0.18 4.21 3.57
N GLY A 302 1.07 4.09 3.13
CA GLY A 302 2.00 5.18 3.29
C GLY A 302 1.59 6.47 2.63
N THR A 303 0.89 6.39 1.51
CA THR A 303 0.52 7.60 0.79
C THR A 303 -0.69 8.31 1.42
N THR A 304 -1.28 7.71 2.45
CA THR A 304 -2.26 8.43 3.25
C THR A 304 -1.65 9.12 4.45
N MET A 305 -0.31 9.17 4.55
CA MET A 305 0.34 9.77 5.72
C MET A 305 0.44 11.30 5.68
N TYR A 306 0.15 11.92 4.54
CA TYR A 306 0.28 13.39 4.44
C TYR A 306 -0.53 14.09 5.51
N PRO A 307 0.08 15.01 6.27
CA PRO A 307 -0.71 15.88 7.13
C PRO A 307 -1.82 16.54 6.34
N GLY A 308 -3.00 16.67 6.91
CA GLY A 308 -4.12 17.33 6.25
C GLY A 308 -5.02 16.45 5.39
N ILE A 309 -4.60 15.22 5.09
CA ILE A 309 -5.37 14.43 4.14
C ILE A 309 -6.75 14.03 4.67
N ALA A 310 -6.87 13.67 5.94
CA ALA A 310 -8.18 13.31 6.49
C ALA A 310 -9.12 14.51 6.46
N ASP A 311 -8.63 15.69 6.84
CA ASP A 311 -9.48 16.88 6.85
C ASP A 311 -9.94 17.24 5.43
N ARG A 312 -9.05 17.10 4.45
CA ARG A 312 -9.40 17.35 3.07
C ARG A 312 -10.44 16.35 2.57
N MET A 313 -10.24 15.08 2.88
N MET A 313 -10.27 15.08 2.89
CA MET A 313 -11.21 14.04 2.52
CA MET A 313 -11.25 14.08 2.47
C MET A 313 -12.58 14.36 3.13
C MET A 313 -12.60 14.32 3.14
N GLN A 314 -12.60 14.70 4.42
CA GLN A 314 -13.85 15.04 5.11
C GLN A 314 -14.58 16.14 4.34
N LYS A 315 -13.85 17.18 3.95
CA LYS A 315 -14.42 18.31 3.22
C LYS A 315 -14.96 17.88 1.86
N GLU A 316 -14.16 17.13 1.11
CA GLU A 316 -14.55 16.76 -0.23
C GLU A 316 -15.73 15.79 -0.25
N ILE A 317 -15.73 14.82 0.65
CA ILE A 317 -16.84 13.87 0.70
C ILE A 317 -18.12 14.58 1.17
N THR A 318 -17.97 15.50 2.12
CA THR A 318 -19.11 16.31 2.55
C THR A 318 -19.74 17.06 1.37
N ALA A 319 -18.93 17.58 0.46
CA ALA A 319 -19.45 18.32 -0.68
C ALA A 319 -20.21 17.43 -1.67
N LEU A 320 -19.83 16.15 -1.74
CA LEU A 320 -20.44 15.22 -2.70
C LEU A 320 -21.65 14.48 -2.14
N ALA A 321 -21.68 14.30 -0.82
CA ALA A 321 -22.69 13.46 -0.15
C ALA A 321 -23.95 14.24 0.14
N PRO A 322 -25.06 13.53 0.41
CA PRO A 322 -26.27 14.22 0.85
C PRO A 322 -26.00 15.13 2.06
N SER A 323 -26.70 16.26 2.13
CA SER A 323 -26.40 17.32 3.10
C SER A 323 -26.56 16.87 4.57
N THR A 324 -27.39 15.87 4.80
CA THR A 324 -27.64 15.37 6.15
C THR A 324 -26.70 14.25 6.59
N MET A 325 -25.81 13.81 5.70
CA MET A 325 -25.03 12.59 5.92
C MET A 325 -23.92 12.78 6.93
N LYS A 326 -23.85 11.88 7.91
CA LYS A 326 -22.73 11.85 8.84
C LYS A 326 -21.53 11.21 8.15
N ILE A 327 -20.44 11.95 8.10
CA ILE A 327 -19.21 11.51 7.45
C ILE A 327 -18.07 11.51 8.46
N LYS A 328 -17.30 10.44 8.46
CA LYS A 328 -16.16 10.31 9.35
C LYS A 328 -15.02 9.65 8.58
N ILE A 329 -13.84 10.24 8.73
CA ILE A 329 -12.61 9.70 8.21
C ILE A 329 -11.79 9.23 9.39
N ILE A 330 -11.36 7.97 9.34
CA ILE A 330 -10.52 7.38 10.38
C ILE A 330 -9.14 7.17 9.78
N ALA A 331 -8.14 7.83 10.35
CA ALA A 331 -6.76 7.75 9.84
C ALA A 331 -5.87 7.37 11.01
N PRO A 332 -5.78 6.07 11.29
CA PRO A 332 -4.99 5.60 12.43
C PRO A 332 -3.52 6.02 12.33
N PRO A 333 -2.89 6.35 13.47
CA PRO A 333 -1.48 6.75 13.42
C PRO A 333 -0.55 5.70 12.81
N GLU A 334 -0.88 4.44 13.03
CA GLU A 334 -0.08 3.32 12.57
C GLU A 334 -0.39 2.86 11.14
N ARG A 335 -1.10 3.70 10.39
CA ARG A 335 -1.66 3.26 9.11
C ARG A 335 -0.67 2.94 7.98
N LYS A 336 0.62 3.28 8.14
CA LYS A 336 1.62 2.77 7.19
C LYS A 336 1.68 1.24 7.21
N TYR A 337 1.26 0.65 8.32
CA TYR A 337 1.37 -0.79 8.53
C TYR A 337 0.02 -1.44 8.82
N SER A 338 -1.09 -0.75 8.57
CA SER A 338 -2.42 -1.28 8.90
C SER A 338 -2.72 -2.61 8.23
N VAL A 339 -2.30 -2.76 6.99
CA VAL A 339 -2.55 -3.99 6.28
C VAL A 339 -1.90 -5.14 7.05
N TRP A 340 -0.62 -4.99 7.34
CA TRP A 340 0.13 -6.02 8.04
C TRP A 340 -0.53 -6.30 9.40
N ILE A 341 -0.85 -5.22 10.12
CA ILE A 341 -1.44 -5.34 11.46
C ILE A 341 -2.74 -6.12 11.41
N GLY A 342 -3.58 -5.79 10.43
CA GLY A 342 -4.81 -6.55 10.27
C GLY A 342 -4.58 -8.02 10.02
N GLY A 343 -3.53 -8.33 9.26
CA GLY A 343 -3.16 -9.73 9.05
C GLY A 343 -2.74 -10.40 10.33
N SER A 344 -1.97 -9.69 11.14
CA SER A 344 -1.53 -10.21 12.43
C SER A 344 -2.73 -10.48 13.35
N ILE A 345 -3.70 -9.58 13.34
CA ILE A 345 -4.89 -9.76 14.16
C ILE A 345 -5.71 -10.95 13.65
N LEU A 346 -5.94 -11.00 12.34
CA LEU A 346 -6.75 -12.07 11.77
C LEU A 346 -6.12 -13.43 12.00
N ALA A 347 -4.83 -13.55 11.72
CA ALA A 347 -4.13 -14.83 11.82
C ALA A 347 -4.04 -15.33 13.27
N SER A 348 -4.26 -14.43 14.22
CA SER A 348 -4.22 -14.74 15.65
C SER A 348 -5.56 -15.18 16.22
N LEU A 349 -6.64 -14.97 15.49
CA LEU A 349 -7.97 -15.30 15.99
C LEU A 349 -8.12 -16.79 16.08
N SER A 350 -8.65 -17.28 17.19
N SER A 350 -8.65 -17.27 17.20
CA SER A 350 -8.89 -18.71 17.34
CA SER A 350 -8.92 -18.69 17.37
C SER A 350 -9.83 -19.24 16.24
C SER A 350 -9.83 -19.22 16.25
N THR A 351 -10.84 -18.45 15.90
CA THR A 351 -11.79 -18.84 14.85
C THR A 351 -11.24 -18.79 13.42
N PHE A 352 -10.07 -18.18 13.24
CA PHE A 352 -9.40 -18.20 11.94
C PHE A 352 -8.65 -19.50 11.68
N GLN A 353 -8.34 -20.25 12.72
CA GLN A 353 -7.43 -21.39 12.55
C GLN A 353 -8.06 -22.45 11.62
N GLN A 354 -9.38 -22.58 11.66
CA GLN A 354 -10.09 -23.48 10.73
C GLN A 354 -10.08 -23.01 9.27
N MET A 355 -9.72 -21.75 9.05
CA MET A 355 -9.75 -21.16 7.71
C MET A 355 -8.44 -21.31 6.94
N TRP A 356 -7.35 -21.62 7.62
CA TRP A 356 -6.10 -21.89 6.90
C TRP A 356 -6.33 -22.98 5.88
N ILE A 357 -5.75 -22.83 4.70
CA ILE A 357 -5.70 -23.91 3.73
C ILE A 357 -4.51 -24.77 4.11
N THR A 358 -4.72 -26.06 4.34
CA THR A 358 -3.62 -26.91 4.75
C THR A 358 -2.94 -27.57 3.56
N LYS A 359 -1.71 -28.03 3.76
CA LYS A 359 -1.02 -28.77 2.70
C LYS A 359 -1.79 -30.03 2.32
N GLN A 360 -2.42 -30.69 3.29
CA GLN A 360 -3.23 -31.88 3.00
C GLN A 360 -4.34 -31.55 2.03
N GLU A 361 -5.05 -30.46 2.29
CA GLU A 361 -6.14 -30.01 1.43
C GLU A 361 -5.60 -29.68 0.04
N TYR A 362 -4.45 -29.02 -0.02
CA TYR A 362 -3.81 -28.72 -1.29
C TYR A 362 -3.44 -29.99 -2.07
N ASP A 363 -2.83 -30.95 -1.39
CA ASP A 363 -2.47 -32.22 -2.02
C ASP A 363 -3.67 -32.94 -2.59
N GLU A 364 -4.80 -32.83 -1.91
CA GLU A 364 -6.05 -33.45 -2.34
C GLU A 364 -6.75 -32.70 -3.50
N ALA A 365 -6.68 -31.36 -3.49
CA ALA A 365 -7.52 -30.54 -4.36
C ALA A 365 -6.80 -29.59 -5.34
N GLY A 366 -5.53 -29.29 -5.09
CA GLY A 366 -4.75 -28.35 -5.92
C GLY A 366 -5.02 -26.89 -5.55
N PRO A 367 -4.37 -25.96 -6.28
CA PRO A 367 -4.42 -24.51 -5.98
C PRO A 367 -5.83 -23.87 -5.93
N SER A 368 -6.78 -24.44 -6.66
CA SER A 368 -8.16 -23.92 -6.75
C SER A 368 -8.88 -23.82 -5.39
N ILE A 369 -8.43 -24.60 -4.42
CA ILE A 369 -8.93 -24.56 -3.04
C ILE A 369 -8.85 -23.15 -2.40
N VAL A 370 -7.93 -22.33 -2.88
CA VAL A 370 -7.66 -21.02 -2.28
C VAL A 370 -8.82 -20.00 -2.43
N HIS A 371 -9.75 -20.27 -3.34
CA HIS A 371 -10.92 -19.41 -3.52
C HIS A 371 -12.09 -19.94 -2.67
#